data_5CLB
#
_entry.id   5CLB
#
_cell.length_a   127.439
_cell.length_b   55.405
_cell.length_c   47.969
_cell.angle_alpha   90.000
_cell.angle_beta   105.700
_cell.angle_gamma   90.000
#
_symmetry.space_group_name_H-M   'C 1 2 1'
#
loop_
_entity.id
_entity.type
_entity.pdbx_description
1 polymer AlkD
2 polymer "DNA (5'-D(*AP*AP*GP*CP*AP*(DZM)P*AP*CP*C)-3')"
3 polymer "DNA (5'-D(*TP*GP*GP*TP*TP*TP*GP*CP*T)-3')"
4 water water
#
loop_
_entity_poly.entity_id
_entity_poly.type
_entity_poly.pdbx_seq_one_letter_code
_entity_poly.pdbx_strand_id
1 'polypeptide(L)'
;GPVPMHPFVKALQEHFTAHQNPEKAEPMARYMKNHFLFLGIQTPERRQLLKDIIQIHTLPDQKDFQIIIRELWDLPEREF
QAAALDIMQKYKKHINETHIPFLEELIVTKSWWDSVDSIVPTFLGDIFLKHPELISAYIPKWIASDNIWLQRAAILFQLK
YKQKMDEELLFWIIGQLHSSKEFFIQKAIGWVLREYAKTNPDVVWEYVQNNELAPLSKREAIKHIKQNYGINNEKIGETL
S
;
A
2 'polydeoxyribonucleotide' (DA)(DA)(DG)(DC)(DA)(DZM)(DA)(DC)(DC) B
3 'polydeoxyribonucleotide' (DT)(DG)(DG)(DT)(DT)(DT)(DG)(DC)(DT) C
#
loop_
_chem_comp.id
_chem_comp.type
_chem_comp.name
_chem_comp.formula
DA DNA linking 2'-DEOXYADENOSINE-5'-MONOPHOSPHATE 'C10 H14 N5 O6 P'
DC DNA linking 2'-DEOXYCYTIDINE-5'-MONOPHOSPHATE 'C9 H14 N3 O7 P'
DG DNA linking 2'-DEOXYGUANOSINE-5'-MONOPHOSPHATE 'C10 H14 N5 O7 P'
DT DNA linking THYMIDINE-5'-MONOPHOSPHATE 'C10 H15 N2 O8 P'
DZM DNA linking 3-deaza-3-methyladenine 'C12 H17 N4 O6 P'
#
# COMPACT_ATOMS: atom_id res chain seq x y z
N VAL A 3 -9.59 -17.62 -15.73
CA VAL A 3 -9.26 -17.12 -17.06
C VAL A 3 -9.95 -15.78 -17.32
N PRO A 4 -9.15 -14.75 -17.64
CA PRO A 4 -9.71 -13.40 -17.80
C PRO A 4 -10.65 -13.27 -18.99
N MET A 5 -11.74 -12.54 -18.79
CA MET A 5 -12.72 -12.32 -19.83
C MET A 5 -12.60 -10.96 -20.49
N HIS A 6 -12.06 -9.99 -19.76
CA HIS A 6 -11.92 -8.67 -20.34
C HIS A 6 -10.80 -8.71 -21.37
N PRO A 7 -11.09 -8.24 -22.60
CA PRO A 7 -10.12 -8.23 -23.70
C PRO A 7 -8.80 -7.56 -23.34
N PHE A 8 -8.86 -6.49 -22.56
CA PHE A 8 -7.68 -5.75 -22.17
C PHE A 8 -6.77 -6.59 -21.27
N VAL A 9 -7.38 -7.33 -20.34
CA VAL A 9 -6.62 -8.20 -19.46
C VAL A 9 -6.04 -9.38 -20.25
N LYS A 10 -6.84 -9.93 -21.15
CA LYS A 10 -6.36 -11.00 -22.03
C LYS A 10 -5.12 -10.56 -22.80
N ALA A 11 -5.18 -9.35 -23.37
CA ALA A 11 -4.07 -8.81 -24.13
C ALA A 11 -2.85 -8.58 -23.24
N LEU A 12 -3.05 -8.00 -22.07
CA LEU A 12 -1.96 -7.77 -21.12
C LEU A 12 -1.33 -9.10 -20.71
N GLN A 13 -2.15 -10.09 -20.39
CA GLN A 13 -1.65 -11.40 -20.01
C GLN A 13 -0.79 -12.00 -21.12
N GLU A 14 -1.25 -11.89 -22.36
CA GLU A 14 -0.49 -12.46 -23.46
C GLU A 14 0.82 -11.73 -23.66
N HIS A 15 0.76 -10.40 -23.61
CA HIS A 15 1.93 -9.57 -23.86
C HIS A 15 2.98 -9.74 -22.75
N PHE A 16 2.57 -9.73 -21.48
CA PHE A 16 3.49 -9.97 -20.38
C PHE A 16 4.12 -11.35 -20.52
N THR A 17 3.29 -12.36 -20.76
CA THR A 17 3.77 -13.73 -20.85
C THR A 17 4.78 -13.90 -21.98
N ALA A 18 4.53 -13.22 -23.10
CA ALA A 18 5.46 -13.28 -24.23
C ALA A 18 6.84 -12.72 -23.89
N HIS A 19 6.92 -11.88 -22.85
CA HIS A 19 8.19 -11.24 -22.52
C HIS A 19 8.72 -11.63 -21.16
N GLN A 20 8.32 -12.80 -20.67
CA GLN A 20 8.78 -13.26 -19.37
C GLN A 20 10.26 -13.59 -19.40
N ASN A 21 10.90 -13.56 -18.24
CA ASN A 21 12.31 -13.91 -18.12
C ASN A 21 12.52 -14.78 -16.88
N PRO A 22 12.59 -16.10 -17.09
CA PRO A 22 12.76 -17.09 -16.03
C PRO A 22 13.98 -16.82 -15.17
N GLU A 23 15.04 -16.29 -15.77
CA GLU A 23 16.25 -15.93 -15.03
C GLU A 23 15.96 -14.87 -13.97
N LYS A 24 15.17 -13.85 -14.33
CA LYS A 24 14.82 -12.79 -13.38
C LYS A 24 13.75 -13.24 -12.40
N ALA A 25 12.88 -14.16 -12.82
CA ALA A 25 11.75 -14.58 -12.01
C ALA A 25 12.17 -15.13 -10.65
N GLU A 26 13.27 -15.87 -10.64
CA GLU A 26 13.69 -16.58 -9.45
C GLU A 26 14.10 -15.61 -8.32
N PRO A 27 15.02 -14.66 -8.59
CA PRO A 27 15.32 -13.74 -7.49
C PRO A 27 14.13 -12.83 -7.11
N MET A 28 13.30 -12.44 -8.08
CA MET A 28 12.14 -11.62 -7.76
C MET A 28 11.18 -12.34 -6.82
N ALA A 29 10.98 -13.63 -7.05
CA ALA A 29 10.07 -14.40 -6.21
C ALA A 29 10.63 -14.58 -4.81
N ARG A 30 11.93 -14.83 -4.74
CA ARG A 30 12.64 -15.01 -3.47
C ARG A 30 12.52 -13.75 -2.62
N TYR A 31 12.59 -12.60 -3.28
CA TYR A 31 12.51 -11.31 -2.61
C TYR A 31 11.18 -11.16 -1.88
N MET A 32 10.13 -11.73 -2.46
CA MET A 32 8.82 -11.68 -1.83
C MET A 32 8.55 -12.93 -1.02
N LYS A 33 9.64 -13.55 -0.54
CA LYS A 33 9.59 -14.74 0.31
C LYS A 33 8.78 -15.87 -0.33
N ASN A 34 8.83 -15.90 -1.66
CA ASN A 34 8.16 -16.92 -2.48
C ASN A 34 6.68 -17.06 -2.18
N HIS A 35 6.05 -15.95 -1.82
CA HIS A 35 4.60 -15.93 -1.69
C HIS A 35 3.92 -15.93 -3.06
N PHE A 36 4.63 -15.48 -4.09
CA PHE A 36 4.05 -15.37 -5.43
C PHE A 36 4.93 -15.90 -6.54
N LEU A 37 4.31 -16.45 -7.57
CA LEU A 37 4.98 -16.64 -8.84
C LEU A 37 5.31 -15.29 -9.47
N PHE A 38 6.41 -15.23 -10.21
CA PHE A 38 6.76 -14.04 -10.99
C PHE A 38 7.02 -14.46 -12.44
N LEU A 39 6.80 -13.55 -13.38
CA LEU A 39 7.20 -13.78 -14.78
C LEU A 39 8.64 -13.38 -14.95
N GLY A 40 9.10 -12.45 -14.10
CA GLY A 40 10.46 -11.95 -14.17
C GLY A 40 10.57 -10.66 -14.95
N ILE A 41 9.57 -9.79 -14.78
CA ILE A 41 9.52 -8.50 -15.46
C ILE A 41 9.57 -7.38 -14.43
N GLN A 42 10.68 -6.65 -14.42
CA GLN A 42 10.85 -5.57 -13.46
C GLN A 42 10.12 -4.32 -13.95
N THR A 43 10.02 -3.32 -13.07
CA THR A 43 9.11 -2.20 -13.28
C THR A 43 9.30 -1.43 -14.60
N PRO A 44 10.54 -1.09 -14.99
CA PRO A 44 10.67 -0.34 -16.26
C PRO A 44 10.12 -1.09 -17.46
N GLU A 45 10.46 -2.37 -17.62
CA GLU A 45 9.91 -3.15 -18.73
C GLU A 45 8.41 -3.35 -18.56
N ARG A 46 7.97 -3.61 -17.34
CA ARG A 46 6.55 -3.82 -17.05
C ARG A 46 5.72 -2.59 -17.42
N ARG A 47 6.27 -1.39 -17.21
CA ARG A 47 5.56 -0.16 -17.56
C ARG A 47 5.54 0.01 -19.06
N GLN A 48 6.60 -0.43 -19.73
CA GLN A 48 6.63 -0.33 -21.19
C GLN A 48 5.63 -1.28 -21.80
N LEU A 49 5.54 -2.50 -21.25
CA LEU A 49 4.61 -3.47 -21.80
C LEU A 49 3.16 -3.05 -21.57
N LEU A 50 2.89 -2.44 -20.42
CA LEU A 50 1.56 -1.91 -20.16
C LEU A 50 1.24 -0.81 -21.16
N LYS A 51 2.21 0.07 -21.38
CA LYS A 51 2.08 1.17 -22.33
C LYS A 51 1.76 0.67 -23.75
N ASP A 52 2.33 -0.46 -24.14
CA ASP A 52 2.05 -1.07 -25.45
C ASP A 52 0.57 -1.39 -25.62
N ILE A 53 -0.04 -1.92 -24.56
CA ILE A 53 -1.41 -2.39 -24.61
C ILE A 53 -2.41 -1.23 -24.58
N ILE A 54 -2.10 -0.20 -23.79
CA ILE A 54 -2.88 1.05 -23.82
C ILE A 54 -2.95 1.57 -25.26
N GLN A 55 -1.81 1.49 -25.94
CA GLN A 55 -1.75 1.82 -27.36
C GLN A 55 -2.39 0.71 -28.19
N LEU A 59 -7.43 3.10 -23.57
CA LEU A 59 -7.81 3.01 -22.15
C LEU A 59 -9.29 2.73 -22.01
N PRO A 60 -9.63 1.56 -21.43
CA PRO A 60 -11.02 1.12 -21.28
C PRO A 60 -11.89 2.13 -20.54
N ASP A 61 -13.20 2.10 -20.80
CA ASP A 61 -14.15 2.99 -20.13
C ASP A 61 -14.04 2.77 -18.62
N GLN A 62 -14.29 3.82 -17.85
CA GLN A 62 -14.15 3.76 -16.40
C GLN A 62 -15.05 2.70 -15.77
N LYS A 63 -16.14 2.35 -16.44
CA LYS A 63 -17.07 1.33 -15.92
C LYS A 63 -16.38 -0.02 -15.81
N ASP A 64 -15.23 -0.16 -16.47
CA ASP A 64 -14.52 -1.41 -16.55
C ASP A 64 -13.37 -1.54 -15.57
N PHE A 65 -12.99 -0.44 -14.91
CA PHE A 65 -11.68 -0.42 -14.27
C PHE A 65 -11.61 -1.39 -13.08
N GLN A 66 -12.67 -1.51 -12.30
CA GLN A 66 -12.66 -2.47 -11.19
C GLN A 66 -12.60 -3.92 -11.70
N ILE A 67 -13.34 -4.22 -12.76
CA ILE A 67 -13.30 -5.54 -13.37
C ILE A 67 -11.90 -5.88 -13.87
N ILE A 68 -11.25 -4.91 -14.50
CA ILE A 68 -9.91 -5.09 -15.01
C ILE A 68 -8.93 -5.36 -13.87
N ILE A 69 -9.01 -4.54 -12.83
CA ILE A 69 -8.15 -4.69 -11.65
C ILE A 69 -8.36 -6.05 -10.99
N ARG A 70 -9.64 -6.42 -10.84
CA ARG A 70 -9.99 -7.66 -10.17
C ARG A 70 -9.49 -8.87 -10.94
N GLU A 71 -9.67 -8.85 -12.26
CA GLU A 71 -9.18 -9.94 -13.10
C GLU A 71 -7.66 -10.05 -13.01
N LEU A 72 -6.97 -8.91 -13.01
CA LEU A 72 -5.52 -8.92 -12.87
C LEU A 72 -5.09 -9.43 -11.50
N TRP A 73 -5.88 -9.13 -10.48
CA TRP A 73 -5.56 -9.56 -9.13
C TRP A 73 -5.68 -11.08 -9.01
N ASP A 74 -6.52 -11.67 -9.85
CA ASP A 74 -6.79 -13.10 -9.81
C ASP A 74 -5.74 -13.90 -10.58
N LEU A 75 -4.87 -13.21 -11.31
CA LEU A 75 -3.83 -13.91 -12.07
C LEU A 75 -2.68 -14.30 -11.15
N PRO A 76 -2.02 -15.43 -11.44
CA PRO A 76 -1.00 -16.00 -10.54
C PRO A 76 0.22 -15.12 -10.33
N GLU A 77 0.77 -14.58 -11.40
CA GLU A 77 2.05 -13.88 -11.33
C GLU A 77 1.91 -12.46 -10.78
N ARG A 78 2.87 -12.09 -9.94
CA ARG A 78 2.79 -10.86 -9.17
C ARG A 78 2.79 -9.62 -10.06
N GLU A 79 3.47 -9.69 -11.21
CA GLU A 79 3.52 -8.53 -12.10
C GLU A 79 2.13 -8.06 -12.52
N PHE A 80 1.15 -8.96 -12.52
CA PHE A 80 -0.20 -8.56 -12.90
C PHE A 80 -0.86 -7.70 -11.81
N GLN A 81 -0.53 -7.94 -10.55
CA GLN A 81 -1.07 -7.08 -9.50
C GLN A 81 -0.36 -5.73 -9.54
N ALA A 82 0.95 -5.75 -9.82
CA ALA A 82 1.68 -4.49 -9.97
C ALA A 82 1.15 -3.68 -11.15
N ALA A 83 0.87 -4.36 -12.26
CA ALA A 83 0.30 -3.68 -13.42
C ALA A 83 -1.08 -3.12 -13.08
N ALA A 84 -1.85 -3.89 -12.32
CA ALA A 84 -3.18 -3.46 -11.90
C ALA A 84 -3.13 -2.14 -11.14
N LEU A 85 -2.13 -1.98 -10.29
CA LEU A 85 -1.98 -0.72 -9.56
C LEU A 85 -1.55 0.42 -10.47
N ASP A 86 -0.71 0.13 -11.46
CA ASP A 86 -0.37 1.13 -12.47
C ASP A 86 -1.62 1.59 -13.20
N ILE A 87 -2.47 0.63 -13.55
CA ILE A 87 -3.72 0.93 -14.22
C ILE A 87 -4.65 1.73 -13.34
N MET A 88 -4.75 1.35 -12.06
CA MET A 88 -5.66 2.05 -11.17
C MET A 88 -5.28 3.54 -11.08
N GLN A 89 -3.99 3.82 -11.14
CA GLN A 89 -3.49 5.20 -11.16
C GLN A 89 -4.03 6.01 -12.34
N LYS A 90 -4.28 5.36 -13.47
CA LYS A 90 -4.77 6.06 -14.63
C LYS A 90 -6.26 6.41 -14.48
N TYR A 91 -6.89 5.83 -13.48
CA TYR A 91 -8.30 6.12 -13.21
C TYR A 91 -8.47 6.95 -11.95
N LYS A 92 -7.37 7.55 -11.51
CA LYS A 92 -7.31 8.35 -10.29
C LYS A 92 -8.48 9.31 -10.08
N LYS A 93 -8.91 9.98 -11.13
CA LYS A 93 -9.93 11.02 -10.98
C LYS A 93 -11.32 10.44 -10.75
N HIS A 94 -11.48 9.14 -11.01
CA HIS A 94 -12.77 8.48 -10.85
C HIS A 94 -12.86 7.69 -9.56
N ILE A 95 -11.79 7.70 -8.77
CA ILE A 95 -11.76 6.98 -7.51
C ILE A 95 -12.22 7.90 -6.37
N ASN A 96 -13.17 7.41 -5.58
CA ASN A 96 -13.75 8.20 -4.50
C ASN A 96 -14.13 7.31 -3.32
N GLU A 97 -14.95 7.85 -2.41
CA GLU A 97 -15.22 7.16 -1.15
C GLU A 97 -15.99 5.86 -1.36
N THR A 98 -16.76 5.78 -2.45
CA THR A 98 -17.51 4.56 -2.76
C THR A 98 -16.56 3.40 -3.10
N HIS A 99 -15.28 3.70 -3.34
CA HIS A 99 -14.32 2.65 -3.69
C HIS A 99 -13.48 2.16 -2.51
N ILE A 100 -13.75 2.67 -1.31
CA ILE A 100 -12.96 2.18 -0.17
C ILE A 100 -13.13 0.65 0.03
N PRO A 101 -14.36 0.11 -0.07
CA PRO A 101 -14.46 -1.35 0.10
C PRO A 101 -13.69 -2.14 -0.96
N PHE A 102 -13.66 -1.61 -2.17
CA PHE A 102 -12.86 -2.20 -3.25
C PHE A 102 -11.38 -2.19 -2.86
N LEU A 103 -10.90 -1.07 -2.31
CA LEU A 103 -9.50 -0.98 -1.90
C LEU A 103 -9.23 -1.93 -0.73
N GLU A 104 -10.21 -2.08 0.16
CA GLU A 104 -10.10 -3.07 1.23
C GLU A 104 -9.88 -4.47 0.70
N GLU A 105 -10.64 -4.83 -0.32
CA GLU A 105 -10.51 -6.13 -0.93
C GLU A 105 -9.11 -6.33 -1.52
N LEU A 106 -8.57 -5.30 -2.17
CA LEU A 106 -7.24 -5.41 -2.75
C LEU A 106 -6.20 -5.58 -1.64
N ILE A 107 -6.43 -4.92 -0.52
CA ILE A 107 -5.49 -4.97 0.58
C ILE A 107 -5.44 -6.36 1.19
N VAL A 108 -6.59 -7.04 1.29
CA VAL A 108 -6.64 -8.30 2.03
C VAL A 108 -6.53 -9.52 1.11
N THR A 109 -6.37 -9.28 -0.18
CA THR A 109 -6.25 -10.35 -1.17
C THR A 109 -4.86 -10.29 -1.80
N LYS A 110 -4.17 -11.43 -1.89
CA LYS A 110 -2.81 -11.43 -2.43
C LYS A 110 -1.95 -10.45 -1.65
N SER A 111 -2.11 -10.44 -0.33
CA SER A 111 -1.52 -9.42 0.52
C SER A 111 -0.02 -9.55 0.71
N TRP A 112 0.69 -8.44 0.49
CA TRP A 112 2.10 -8.36 0.91
C TRP A 112 2.47 -6.90 0.89
N TRP A 113 3.68 -6.57 1.32
CA TRP A 113 4.03 -5.17 1.51
C TRP A 113 4.09 -4.42 0.18
N ASP A 114 4.39 -5.13 -0.90
CA ASP A 114 4.59 -4.43 -2.16
C ASP A 114 3.26 -3.88 -2.68
N SER A 115 2.21 -4.68 -2.60
CA SER A 115 0.88 -4.21 -3.01
C SER A 115 0.29 -3.22 -2.00
N VAL A 116 0.35 -3.56 -0.72
CA VAL A 116 -0.31 -2.73 0.29
C VAL A 116 0.30 -1.35 0.39
N ASP A 117 1.63 -1.25 0.31
CA ASP A 117 2.27 0.07 0.39
C ASP A 117 2.02 0.88 -0.88
N SER A 118 1.65 0.23 -1.96
CA SER A 118 1.28 0.95 -3.19
C SER A 118 -0.18 1.39 -3.20
N ILE A 119 -1.00 0.77 -2.37
CA ILE A 119 -2.42 1.09 -2.29
C ILE A 119 -2.71 2.16 -1.25
N VAL A 120 -2.03 2.07 -0.13
CA VAL A 120 -2.50 2.77 1.07
C VAL A 120 -2.15 4.26 1.15
N PRO A 121 -0.86 4.64 1.05
CA PRO A 121 -0.63 6.09 1.25
C PRO A 121 -1.08 6.98 0.10
N THR A 122 -1.30 6.40 -1.07
CA THR A 122 -1.69 7.17 -2.24
C THR A 122 -3.20 7.17 -2.42
N PHE A 123 -3.79 6.01 -2.70
CA PHE A 123 -5.22 5.94 -2.98
C PHE A 123 -6.10 6.14 -1.74
N LEU A 124 -5.81 5.43 -0.65
CA LEU A 124 -6.60 5.61 0.54
C LEU A 124 -6.30 6.95 1.20
N GLY A 125 -5.03 7.35 1.15
CA GLY A 125 -4.62 8.63 1.68
C GLY A 125 -5.40 9.77 1.06
N ASP A 126 -5.54 9.73 -0.25
CA ASP A 126 -6.22 10.80 -0.97
C ASP A 126 -7.71 10.82 -0.67
N ILE A 127 -8.28 9.63 -0.54
CA ILE A 127 -9.71 9.52 -0.27
C ILE A 127 -10.03 10.09 1.11
N PHE A 128 -9.26 9.71 2.11
CA PHE A 128 -9.56 10.17 3.46
C PHE A 128 -9.20 11.64 3.66
N LEU A 129 -8.39 12.21 2.77
CA LEU A 129 -8.15 13.65 2.81
C LEU A 129 -9.42 14.41 2.41
N LYS A 130 -10.13 13.85 1.43
CA LYS A 130 -11.36 14.48 0.99
C LYS A 130 -12.53 14.11 1.91
N HIS A 131 -12.43 12.96 2.57
CA HIS A 131 -13.52 12.46 3.39
C HIS A 131 -13.07 12.05 4.79
N PRO A 132 -12.54 13.01 5.57
CA PRO A 132 -12.01 12.63 6.88
C PRO A 132 -13.10 12.20 7.87
N GLU A 133 -14.34 12.58 7.60
CA GLU A 133 -15.47 12.18 8.41
C GLU A 133 -15.81 10.70 8.22
N LEU A 134 -15.15 10.04 7.27
CA LEU A 134 -15.37 8.61 7.07
C LEU A 134 -14.29 7.76 7.74
N ILE A 135 -13.24 8.41 8.27
CA ILE A 135 -12.15 7.65 8.88
C ILE A 135 -12.65 6.76 10.04
N SER A 136 -13.56 7.28 10.85
CA SER A 136 -14.01 6.51 12.02
C SER A 136 -14.83 5.26 11.65
N ALA A 137 -15.30 5.18 10.41
CA ALA A 137 -16.04 4.00 9.93
C ALA A 137 -15.11 2.90 9.45
N TYR A 138 -13.82 3.20 9.30
CA TYR A 138 -12.86 2.26 8.76
C TYR A 138 -11.65 1.98 9.66
N ILE A 139 -10.99 3.03 10.13
CA ILE A 139 -9.74 2.85 10.86
C ILE A 139 -9.92 2.00 12.13
N PRO A 140 -10.95 2.30 12.97
CA PRO A 140 -11.09 1.41 14.14
C PRO A 140 -11.41 -0.03 13.76
N LYS A 141 -12.24 -0.22 12.74
CA LYS A 141 -12.55 -1.56 12.25
C LYS A 141 -11.27 -2.29 11.81
N TRP A 142 -10.39 -1.57 11.10
CA TRP A 142 -9.15 -2.16 10.61
C TRP A 142 -8.24 -2.55 11.77
N ILE A 143 -8.19 -1.69 12.78
CA ILE A 143 -7.37 -1.99 13.96
C ILE A 143 -7.86 -3.24 14.66
N ALA A 144 -9.18 -3.36 14.83
CA ALA A 144 -9.77 -4.51 15.51
C ALA A 144 -9.76 -5.80 14.68
N SER A 145 -9.44 -5.72 13.39
CA SER A 145 -9.55 -6.87 12.48
C SER A 145 -8.52 -7.97 12.72
N ASP A 146 -7.40 -7.64 13.36
CA ASP A 146 -6.26 -8.55 13.45
C ASP A 146 -5.76 -9.03 12.08
N ASN A 147 -6.12 -8.31 11.02
CA ASN A 147 -5.47 -8.47 9.72
C ASN A 147 -4.33 -7.47 9.66
N ILE A 148 -3.09 -7.96 9.57
CA ILE A 148 -1.96 -7.05 9.68
C ILE A 148 -1.87 -6.04 8.55
N TRP A 149 -2.47 -6.35 7.40
CA TRP A 149 -2.38 -5.43 6.28
C TRP A 149 -3.40 -4.32 6.39
N LEU A 150 -4.56 -4.61 6.96
CA LEU A 150 -5.52 -3.54 7.28
C LEU A 150 -5.00 -2.68 8.43
N GLN A 151 -4.28 -3.32 9.35
CA GLN A 151 -3.68 -2.57 10.44
C GLN A 151 -2.58 -1.67 9.91
N ARG A 152 -1.77 -2.19 9.00
CA ARG A 152 -0.76 -1.37 8.35
C ARG A 152 -1.40 -0.23 7.56
N ALA A 153 -2.55 -0.50 6.94
CA ALA A 153 -3.28 0.54 6.22
C ALA A 153 -3.69 1.67 7.17
N ALA A 154 -4.17 1.31 8.37
CA ALA A 154 -4.61 2.32 9.33
C ALA A 154 -3.45 3.23 9.74
N ILE A 155 -2.25 2.65 9.84
CA ILE A 155 -1.04 3.40 10.19
C ILE A 155 -0.54 4.27 9.03
N LEU A 156 -0.53 3.72 7.83
CA LEU A 156 0.18 4.39 6.73
C LEU A 156 -0.68 5.22 5.80
N PHE A 157 -1.99 5.29 5.99
CA PHE A 157 -2.77 6.07 5.02
C PHE A 157 -2.39 7.54 5.10
N GLN A 158 -1.88 7.97 6.25
CA GLN A 158 -1.44 9.37 6.42
C GLN A 158 0.03 9.59 6.15
N LEU A 159 0.73 8.58 5.64
CA LEU A 159 2.19 8.65 5.52
C LEU A 159 2.70 9.90 4.79
N LYS A 160 2.02 10.28 3.71
CA LYS A 160 2.52 11.38 2.88
C LYS A 160 1.85 12.71 3.19
N TYR A 161 1.15 12.78 4.32
CA TYR A 161 0.32 13.95 4.62
C TYR A 161 1.13 15.20 4.97
N LYS A 162 2.30 15.02 5.58
CA LYS A 162 3.16 16.14 5.97
C LYS A 162 2.34 17.11 6.84
N GLN A 163 2.21 18.36 6.42
CA GLN A 163 1.52 19.35 7.27
C GLN A 163 0.02 19.06 7.46
N LYS A 164 -0.52 18.12 6.67
CA LYS A 164 -1.94 17.76 6.74
C LYS A 164 -2.21 16.67 7.78
N MET A 165 -1.15 16.13 8.36
CA MET A 165 -1.28 15.04 9.32
C MET A 165 -2.22 15.41 10.46
N ASP A 166 -3.17 14.52 10.74
CA ASP A 166 -3.98 14.60 11.96
C ASP A 166 -3.16 13.90 13.06
N GLU A 167 -2.40 14.70 13.79
CA GLU A 167 -1.47 14.20 14.79
C GLU A 167 -2.13 13.37 15.89
N GLU A 168 -3.24 13.87 16.41
CA GLU A 168 -3.95 13.20 17.50
C GLU A 168 -4.45 11.84 17.04
N LEU A 169 -4.97 11.80 15.81
CA LEU A 169 -5.39 10.53 15.21
C LEU A 169 -4.21 9.59 15.02
N LEU A 170 -3.13 10.10 14.44
CA LEU A 170 -1.94 9.30 14.24
C LEU A 170 -1.48 8.63 15.54
N PHE A 171 -1.36 9.43 16.59
CA PHE A 171 -0.85 8.91 17.83
C PHE A 171 -1.84 7.94 18.48
N TRP A 172 -3.13 8.17 18.29
CA TRP A 172 -4.12 7.23 18.82
C TRP A 172 -4.01 5.88 18.11
N ILE A 173 -3.94 5.91 16.78
CA ILE A 173 -3.77 4.68 16.01
C ILE A 173 -2.50 3.92 16.44
N ILE A 174 -1.40 4.65 16.56
CA ILE A 174 -0.15 4.04 16.98
C ILE A 174 -0.26 3.41 18.36
N GLY A 175 -0.92 4.13 19.27
CA GLY A 175 -1.14 3.60 20.61
C GLY A 175 -1.94 2.31 20.60
N GLN A 176 -2.91 2.21 19.71
CA GLN A 176 -3.74 1.02 19.62
C GLN A 176 -2.94 -0.17 19.10
N LEU A 177 -1.93 0.09 18.28
CA LEU A 177 -1.18 -1.01 17.63
C LEU A 177 0.25 -1.21 18.15
N HIS A 178 0.65 -0.44 19.15
CA HIS A 178 2.05 -0.46 19.56
C HIS A 178 2.48 -1.77 20.19
N SER A 179 1.53 -2.53 20.74
CA SER A 179 1.85 -3.82 21.36
C SER A 179 1.78 -4.98 20.38
N SER A 180 1.63 -4.69 19.11
CA SER A 180 1.66 -5.77 18.12
C SER A 180 3.06 -6.39 18.04
N LYS A 181 3.10 -7.73 18.04
CA LYS A 181 4.34 -8.47 17.85
C LYS A 181 4.82 -8.46 16.38
N GLU A 182 3.97 -7.99 15.48
CA GLU A 182 4.20 -8.17 14.03
C GLU A 182 5.23 -7.22 13.47
N PHE A 183 6.21 -7.76 12.77
CA PHE A 183 7.26 -6.94 12.19
C PHE A 183 6.64 -5.84 11.32
N PHE A 184 5.68 -6.19 10.46
CA PHE A 184 5.18 -5.21 9.51
C PHE A 184 4.40 -4.09 10.19
N ILE A 185 3.89 -4.36 11.39
CA ILE A 185 3.24 -3.31 12.18
C ILE A 185 4.26 -2.47 12.96
N GLN A 186 5.19 -3.10 13.68
CA GLN A 186 6.24 -2.34 14.36
C GLN A 186 7.00 -1.44 13.38
N LYS A 187 7.29 -1.97 12.20
CA LYS A 187 8.06 -1.22 11.22
C LYS A 187 7.24 -0.08 10.66
N ALA A 188 5.96 -0.33 10.38
CA ALA A 188 5.09 0.74 9.86
C ALA A 188 4.95 1.87 10.87
N ILE A 189 4.90 1.54 12.15
CA ILE A 189 4.86 2.57 13.18
C ILE A 189 6.13 3.43 13.15
N GLY A 190 7.28 2.77 13.06
CA GLY A 190 8.53 3.49 13.04
C GLY A 190 8.66 4.37 11.81
N TRP A 191 8.25 3.82 10.66
CA TRP A 191 8.25 4.54 9.40
C TRP A 191 7.41 5.81 9.45
N VAL A 192 6.15 5.67 9.87
CA VAL A 192 5.24 6.81 9.81
C VAL A 192 5.71 7.89 10.80
N LEU A 193 6.27 7.48 11.92
CA LEU A 193 6.76 8.45 12.90
C LEU A 193 7.99 9.16 12.37
N ARG A 194 8.91 8.40 11.76
CA ARG A 194 10.10 8.99 11.17
C ARG A 194 9.72 9.98 10.07
N GLU A 195 8.78 9.59 9.21
CA GLU A 195 8.35 10.46 8.12
C GLU A 195 7.70 11.74 8.63
N TYR A 196 6.81 11.59 9.60
CA TYR A 196 6.13 12.77 10.16
C TYR A 196 7.12 13.68 10.89
N ALA A 197 8.15 13.09 11.49
CA ALA A 197 9.17 13.89 12.15
C ALA A 197 9.91 14.82 11.18
N LYS A 198 9.84 14.54 9.88
CA LYS A 198 10.39 15.47 8.91
C LYS A 198 9.59 16.78 8.90
N THR A 199 8.34 16.70 9.32
CA THR A 199 7.44 17.85 9.31
C THR A 199 7.30 18.47 10.70
N ASN A 200 7.09 17.61 11.69
CA ASN A 200 6.79 18.06 13.05
C ASN A 200 7.67 17.30 14.04
N PRO A 201 8.99 17.53 14.00
CA PRO A 201 9.90 16.71 14.81
C PRO A 201 9.65 16.80 16.33
N ASP A 202 9.30 17.97 16.85
CA ASP A 202 9.18 18.10 18.30
C ASP A 202 8.06 17.23 18.86
N VAL A 203 6.99 17.13 18.09
CA VAL A 203 5.80 16.40 18.49
C VAL A 203 6.04 14.88 18.48
N VAL A 204 6.80 14.42 17.50
CA VAL A 204 7.17 13.02 17.42
C VAL A 204 8.12 12.65 18.57
N TRP A 205 9.11 13.52 18.82
CA TRP A 205 10.03 13.32 19.93
C TRP A 205 9.28 13.21 21.26
N GLU A 206 8.36 14.14 21.49
CA GLU A 206 7.60 14.14 22.74
C GLU A 206 6.77 12.86 22.81
N TYR A 207 6.23 12.40 21.68
CA TYR A 207 5.43 11.20 21.69
C TYR A 207 6.28 10.00 22.08
N VAL A 208 7.42 9.85 21.42
CA VAL A 208 8.20 8.64 21.67
C VAL A 208 8.88 8.67 23.03
N GLN A 209 9.07 9.86 23.60
CA GLN A 209 9.68 9.91 24.93
C GLN A 209 8.66 9.63 26.03
N ASN A 210 7.37 9.69 25.69
CA ASN A 210 6.36 9.59 26.73
C ASN A 210 5.32 8.50 26.52
N ASN A 211 5.48 7.72 25.47
CA ASN A 211 4.53 6.67 25.15
C ASN A 211 5.26 5.41 24.74
N GLU A 212 4.80 4.28 25.25
CA GLU A 212 5.45 3.00 25.00
C GLU A 212 5.44 2.62 23.51
N LEU A 213 6.59 2.15 23.03
CA LEU A 213 6.73 1.65 21.66
C LEU A 213 7.63 0.43 21.69
N ALA A 214 7.42 -0.49 20.75
CA ALA A 214 8.38 -1.58 20.58
C ALA A 214 9.72 -0.93 20.24
N PRO A 215 10.84 -1.54 20.66
CA PRO A 215 12.16 -0.95 20.44
C PRO A 215 12.46 -0.71 18.96
N LEU A 216 12.06 -1.64 18.08
CA LEU A 216 12.18 -1.41 16.65
C LEU A 216 11.50 -0.12 16.23
N SER A 217 10.27 0.08 16.70
CA SER A 217 9.49 1.26 16.32
C SER A 217 10.16 2.53 16.81
N LYS A 218 10.57 2.55 18.07
CA LYS A 218 11.20 3.74 18.62
C LYS A 218 12.51 4.07 17.89
N ARG A 219 13.35 3.06 17.70
CA ARG A 219 14.62 3.27 17.01
C ARG A 219 14.40 3.85 15.62
N GLU A 220 13.48 3.25 14.86
CA GLU A 220 13.26 3.69 13.49
C GLU A 220 12.67 5.11 13.48
N ALA A 221 11.85 5.43 14.48
CA ALA A 221 11.19 6.73 14.54
C ALA A 221 12.17 7.89 14.68
N ILE A 222 13.18 7.69 15.52
CA ILE A 222 14.03 8.79 15.94
C ILE A 222 15.38 8.78 15.24
N LYS A 223 15.50 7.88 14.25
CA LYS A 223 16.72 7.70 13.46
C LYS A 223 17.39 9.00 13.03
N HIS A 224 16.59 9.98 12.59
CA HIS A 224 17.17 11.20 12.02
C HIS A 224 17.06 12.44 12.91
N ILE A 225 16.34 12.35 14.01
CA ILE A 225 16.16 13.53 14.87
C ILE A 225 16.82 13.40 16.23
N LYS A 226 17.22 12.18 16.60
CA LYS A 226 17.77 11.94 17.94
C LYS A 226 18.99 12.82 18.24
N GLN A 227 19.74 13.19 17.21
CA GLN A 227 20.94 14.01 17.43
C GLN A 227 20.60 15.45 17.77
N ASN A 228 19.31 15.81 17.77
CA ASN A 228 18.91 17.18 18.05
C ASN A 228 18.43 17.39 19.48
N TYR A 229 18.44 16.32 20.27
CA TYR A 229 17.92 16.38 21.63
C TYR A 229 18.87 15.72 22.64
P DZM B 6 11.87 2.29 5.76
N1 DZM B 6 15.18 -0.88 -0.96
C2 DZM B 6 13.97 -1.25 -1.36
C3 DZM B 6 12.85 -1.02 -0.62
C4 DZM B 6 12.95 -0.39 0.62
C5 DZM B 6 14.25 0.00 1.04
C6 DZM B 6 15.34 -0.28 0.20
N6 DZM B 6 16.61 0.10 0.60
N7 DZM B 6 14.12 0.59 2.25
C8 DZM B 6 12.80 0.60 2.60
N9 DZM B 6 12.08 0.00 1.62
C1' DZM B 6 10.61 -0.12 1.64
OP2 DZM B 6 13.26 1.93 6.07
C2' DZM B 6 10.12 -1.42 2.28
OP1 DZM B 6 11.17 2.89 6.91
C3' DZM B 6 9.90 -1.00 3.74
O3' DZM B 6 8.84 -1.74 4.33
C3M DZM B 6 11.50 -1.46 -1.16
C4' DZM B 6 9.39 0.44 3.58
O4' DZM B 6 10.08 0.99 2.42
C5' DZM B 6 9.68 1.25 4.84
O5' DZM B 6 11.04 1.02 5.23
#